data_3Q88
#
_entry.id   3Q88
#
_cell.length_a   114.465
_cell.length_b   114.465
_cell.length_c   84.500
_cell.angle_alpha   90.000
_cell.angle_beta   90.000
_cell.angle_gamma   120.000
#
_symmetry.space_group_name_H-M   'P 32 2 1'
#
loop_
_entity.id
_entity.type
_entity.pdbx_description
1 polymer 'Glucose-6-phosphate isomerase'
2 non-polymer 1,5-di-O-phosphono-alpha-D-ribofuranose
3 non-polymer '2-(N-MORPHOLINO)-ETHANESULFONIC ACID'
4 non-polymer 'PHOSPHATE ION'
5 non-polymer 'ISOPROPYL ALCOHOL'
6 non-polymer 'CALCIUM ION'
7 water water
#
_entity_poly.entity_id   1
_entity_poly.type   'polypeptide(L)'
_entity_poly.pdbx_seq_one_letter_code
;SNAMLFCDDSKKYLKEQNINLKNEFDKDDKRVEKFSLKHQNIYFDYSKNLINDYILKSLLESAEKSSLKDKIKQMFNGAK
INSTEHRAVLHTALRDLSSTPLIVDGQDIRQEVTKEKQRVKELVEKVVSGRWRGFSGKKITDIVNIGIGGSDLGPKMVVR
ALQPYHCTDLKVHFVSNVDADSLLQALHVVDPETTLLIIASKSFSTEETLLNSISAREWLLDHYEDEKAVANHFVAISSK
LDKVKEFGIDLEHCYKMWDWVGGRYSLWSSIGMSIAFAIGYDNFEKLLAGAYSVDKHFKETEFSKNIPVIMALLASYYSC
TYNSQSQALLPYDERLCYFVDYLQQADMESNGKSVNIAGETVNYQTGVVLWGGVGTNGQHAFHQLLHQGNIFIPVDFIAI
ATSHHNYDNHQQALLANCFAQSQALMFGQSYDMVYNELLKSGLNETQAKELAAHKVIPGNRPSTTILLDELSPYSLGALI
ALYEHKIFVQGVLWDINSYDQWGVELGKKLGKNILKAMNDDSSDEYQNLDDSTRQLIAKVKNK
;
_entity_poly.pdbx_strand_id   A
#
loop_
_chem_comp.id
_chem_comp.type
_chem_comp.name
_chem_comp.formula
CA non-polymer 'CALCIUM ION' 'Ca 2'
IPA non-polymer 'ISOPROPYL ALCOHOL' 'C3 H8 O'
MES non-polymer '2-(N-MORPHOLINO)-ETHANESULFONIC ACID' 'C6 H13 N O4 S'
PO4 non-polymer 'PHOSPHATE ION' 'O4 P -3'
RI2 D-saccharide, alpha linking 1,5-di-O-phosphono-alpha-D-ribofuranose 'C5 H12 O11 P2'
#
# COMPACT_ATOMS: atom_id res chain seq x y z
N ASN A 2 20.79 -20.51 8.17
CA ASN A 2 21.30 -21.28 6.99
CA ASN A 2 21.26 -21.31 7.00
C ASN A 2 20.35 -21.17 5.78
N ALA A 3 19.54 -20.13 5.77
CA ALA A 3 18.72 -19.86 4.59
C ALA A 3 19.64 -19.46 3.45
N MET A 4 19.15 -19.71 2.23
CA MET A 4 19.79 -19.25 1.01
C MET A 4 20.05 -17.71 1.03
N LEU A 5 21.24 -17.34 0.57
CA LEU A 5 21.62 -15.91 0.46
C LEU A 5 21.26 -15.37 -0.92
N PHE A 6 20.31 -14.43 -0.99
CA PHE A 6 19.92 -13.85 -2.27
C PHE A 6 21.00 -12.90 -2.82
N CYS A 7 21.43 -11.94 -2.00
CA CYS A 7 22.40 -10.96 -2.43
CA CYS A 7 22.41 -10.94 -2.35
C CYS A 7 23.81 -11.48 -2.19
N ASP A 8 24.24 -12.33 -3.12
CA ASP A 8 25.56 -12.97 -2.98
C ASP A 8 26.50 -12.48 -4.10
N ASP A 9 27.72 -13.02 -4.12
CA ASP A 9 28.73 -12.61 -5.14
C ASP A 9 28.27 -12.81 -6.58
N SER A 10 27.58 -13.93 -6.79
CA SER A 10 26.95 -14.27 -8.07
C SER A 10 26.07 -13.13 -8.61
N LYS A 11 25.15 -12.59 -7.79
CA LYS A 11 24.26 -11.49 -8.24
C LYS A 11 25.05 -10.27 -8.60
N LYS A 12 25.92 -9.86 -7.68
CA LYS A 12 26.66 -8.61 -7.80
C LYS A 12 27.44 -8.57 -9.14
N TYR A 13 27.61 -9.75 -9.76
CA TYR A 13 28.43 -9.98 -10.97
CA TYR A 13 28.42 -9.91 -10.99
C TYR A 13 27.60 -10.21 -12.27
N LEU A 14 26.27 -10.37 -12.15
CA LEU A 14 25.33 -10.48 -13.30
C LEU A 14 25.29 -9.13 -14.06
N LYS A 15 25.62 -8.10 -13.31
CA LYS A 15 25.78 -6.74 -13.77
C LYS A 15 26.79 -6.62 -14.91
N GLU A 16 27.80 -7.47 -14.86
CA GLU A 16 28.90 -7.47 -15.84
C GLU A 16 28.43 -7.88 -17.24
N GLN A 17 27.21 -8.39 -17.37
CA GLN A 17 26.60 -8.57 -18.71
C GLN A 17 26.49 -7.24 -19.50
N ASN A 18 26.53 -6.12 -18.80
CA ASN A 18 26.45 -4.79 -19.43
CA ASN A 18 26.42 -4.77 -19.38
C ASN A 18 25.28 -4.65 -20.41
N ILE A 19 24.07 -4.95 -19.94
CA ILE A 19 22.90 -4.95 -20.80
C ILE A 19 22.75 -3.54 -21.35
N ASN A 20 22.61 -3.46 -22.65
CA ASN A 20 22.24 -2.24 -23.34
C ASN A 20 20.84 -2.45 -23.92
N LEU A 21 19.85 -1.72 -23.42
CA LEU A 21 18.46 -1.96 -23.86
C LEU A 21 18.20 -1.75 -25.34
N LYS A 22 18.73 -0.66 -25.87
CA LYS A 22 18.58 -0.39 -27.30
C LYS A 22 19.09 -1.59 -28.12
N ASN A 23 20.26 -2.09 -27.77
CA ASN A 23 20.89 -3.22 -28.50
C ASN A 23 20.04 -4.46 -28.38
N GLU A 24 19.50 -4.71 -27.19
CA GLU A 24 18.66 -5.86 -26.99
C GLU A 24 17.41 -5.86 -27.84
N PHE A 25 16.67 -4.74 -27.86
CA PHE A 25 15.48 -4.62 -28.69
C PHE A 25 15.79 -4.70 -30.22
N ASP A 26 16.94 -4.15 -30.62
CA ASP A 26 17.38 -4.23 -32.02
CA ASP A 26 17.37 -4.21 -32.02
C ASP A 26 17.70 -5.66 -32.44
N LYS A 27 18.35 -6.42 -31.56
CA LYS A 27 18.87 -7.74 -31.97
CA LYS A 27 18.90 -7.75 -31.88
C LYS A 27 17.95 -8.93 -31.62
N ASP A 28 17.01 -8.75 -30.68
CA ASP A 28 16.17 -9.84 -30.20
C ASP A 28 14.72 -9.55 -30.58
N ASP A 29 14.23 -10.12 -31.68
CA ASP A 29 12.86 -9.83 -32.07
C ASP A 29 11.83 -10.53 -31.16
N LYS A 30 12.29 -11.29 -30.16
CA LYS A 30 11.34 -11.87 -29.23
CA LYS A 30 11.38 -11.93 -29.20
C LYS A 30 11.46 -11.27 -27.83
N ARG A 31 12.07 -10.09 -27.74
CA ARG A 31 12.28 -9.47 -26.43
C ARG A 31 10.99 -9.30 -25.62
N VAL A 32 9.95 -8.76 -26.24
CA VAL A 32 8.72 -8.46 -25.54
C VAL A 32 8.03 -9.75 -25.13
N GLU A 33 7.95 -10.68 -26.07
CA GLU A 33 7.34 -12.02 -25.79
C GLU A 33 8.02 -12.69 -24.61
N LYS A 34 9.35 -12.63 -24.55
CA LYS A 34 10.11 -13.25 -23.46
C LYS A 34 9.85 -12.54 -22.12
N PHE A 35 9.75 -11.20 -22.15
CA PHE A 35 9.78 -10.39 -20.93
C PHE A 35 8.50 -9.59 -20.70
N SER A 36 7.39 -10.26 -20.95
CA SER A 36 6.07 -9.79 -20.60
C SER A 36 5.16 -10.97 -20.23
N LEU A 37 4.17 -10.66 -19.42
CA LEU A 37 3.20 -11.63 -18.94
C LEU A 37 1.82 -10.99 -18.93
N LYS A 38 0.80 -11.84 -18.95
CA LYS A 38 -0.59 -11.38 -18.86
CA LYS A 38 -0.56 -11.35 -18.83
C LYS A 38 -1.28 -12.09 -17.73
N HIS A 39 -2.08 -11.35 -16.97
CA HIS A 39 -3.02 -11.96 -16.05
C HIS A 39 -4.39 -11.30 -16.31
N GLN A 40 -5.31 -12.10 -16.89
CA GLN A 40 -6.61 -11.62 -17.34
C GLN A 40 -6.38 -10.36 -18.14
N ASN A 41 -6.92 -9.25 -17.71
CA ASN A 41 -6.76 -8.02 -18.48
C ASN A 41 -5.69 -7.05 -17.96
N ILE A 42 -4.76 -7.57 -17.18
CA ILE A 42 -3.52 -6.88 -16.85
C ILE A 42 -2.37 -7.39 -17.69
N TYR A 43 -1.66 -6.45 -18.35
CA TYR A 43 -0.48 -6.70 -19.13
C TYR A 43 0.73 -6.18 -18.37
N PHE A 44 1.69 -7.06 -18.08
CA PHE A 44 2.87 -6.76 -17.30
C PHE A 44 4.07 -6.77 -18.22
N ASP A 45 4.60 -5.62 -18.59
CA ASP A 45 5.72 -5.54 -19.54
C ASP A 45 6.98 -5.15 -18.82
N TYR A 46 7.86 -6.13 -18.59
CA TYR A 46 9.10 -5.87 -17.86
C TYR A 46 10.29 -5.88 -18.83
N SER A 47 10.02 -5.70 -20.13
CA SER A 47 11.05 -5.87 -21.13
C SER A 47 12.07 -4.70 -21.22
N LYS A 48 11.71 -3.55 -20.66
CA LYS A 48 12.66 -2.43 -20.52
C LYS A 48 13.53 -2.50 -19.26
N ASN A 49 13.55 -3.66 -18.61
CA ASN A 49 14.46 -3.87 -17.51
C ASN A 49 15.84 -4.35 -17.97
N LEU A 50 16.85 -4.10 -17.13
CA LEU A 50 18.24 -4.42 -17.48
C LEU A 50 18.52 -5.92 -17.27
N ILE A 51 17.84 -6.70 -18.08
CA ILE A 51 17.91 -8.15 -18.01
C ILE A 51 18.06 -8.73 -19.40
N ASN A 52 18.59 -9.97 -19.45
CA ASN A 52 18.47 -10.80 -20.60
C ASN A 52 18.18 -12.22 -20.11
N ASP A 53 18.26 -13.20 -20.98
CA ASP A 53 17.91 -14.53 -20.58
C ASP A 53 18.78 -15.01 -19.42
N TYR A 54 20.08 -14.77 -19.52
CA TYR A 54 21.01 -15.29 -18.52
C TYR A 54 20.75 -14.70 -17.12
N ILE A 55 20.49 -13.41 -17.07
CA ILE A 55 20.22 -12.75 -15.78
C ILE A 55 18.89 -13.24 -15.24
N LEU A 56 17.85 -13.32 -16.08
CA LEU A 56 16.56 -13.77 -15.54
C LEU A 56 16.68 -15.19 -15.02
N LYS A 57 17.38 -16.04 -15.76
CA LYS A 57 17.58 -17.42 -15.32
CA LYS A 57 17.51 -17.42 -15.29
C LYS A 57 18.27 -17.53 -13.99
N SER A 58 19.30 -16.73 -13.79
CA SER A 58 20.01 -16.72 -12.52
CA SER A 58 20.00 -16.74 -12.54
C SER A 58 19.07 -16.29 -11.40
N LEU A 59 18.34 -15.21 -11.64
CA LEU A 59 17.36 -14.79 -10.64
C LEU A 59 16.30 -15.85 -10.32
N LEU A 60 15.72 -16.46 -11.33
CA LEU A 60 14.70 -17.51 -11.13
C LEU A 60 15.29 -18.70 -10.38
N GLU A 61 16.56 -19.01 -10.64
CA GLU A 61 17.26 -20.07 -9.88
C GLU A 61 17.35 -19.77 -8.39
N SER A 62 17.62 -18.52 -8.04
CA SER A 62 17.62 -18.11 -6.64
C SER A 62 16.26 -18.32 -6.02
N ALA A 63 15.21 -17.93 -6.74
CA ALA A 63 13.84 -18.13 -6.24
C ALA A 63 13.60 -19.65 -6.06
N GLU A 64 13.95 -20.42 -7.06
CA GLU A 64 13.72 -21.88 -7.02
C GLU A 64 14.48 -22.55 -5.91
N LYS A 65 15.68 -22.06 -5.61
CA LYS A 65 16.52 -22.64 -4.56
CA LYS A 65 16.51 -22.66 -4.59
C LYS A 65 16.09 -22.22 -3.16
N SER A 66 15.31 -21.15 -3.09
CA SER A 66 14.90 -20.56 -1.83
C SER A 66 13.75 -21.37 -1.19
N SER A 67 13.31 -20.90 -0.02
CA SER A 67 12.13 -21.49 0.66
C SER A 67 10.80 -20.97 0.10
N LEU A 68 10.83 -20.16 -0.96
CA LEU A 68 9.63 -19.51 -1.45
C LEU A 68 8.47 -20.43 -1.75
N LYS A 69 8.70 -21.52 -2.46
CA LYS A 69 7.64 -22.45 -2.79
C LYS A 69 6.92 -22.93 -1.51
N ASP A 70 7.69 -23.31 -0.50
CA ASP A 70 7.13 -23.73 0.80
CA ASP A 70 7.08 -23.74 0.75
C ASP A 70 6.40 -22.58 1.52
N LYS A 71 7.03 -21.40 1.50
CA LYS A 71 6.47 -20.24 2.20
C LYS A 71 5.12 -19.82 1.61
N ILE A 72 4.95 -19.91 0.28
CA ILE A 72 3.66 -19.59 -0.33
C ILE A 72 2.57 -20.52 0.22
N LYS A 73 2.85 -21.82 0.25
CA LYS A 73 1.90 -22.77 0.79
CA LYS A 73 1.90 -22.79 0.80
C LYS A 73 1.60 -22.49 2.26
N GLN A 74 2.65 -22.18 3.03
CA GLN A 74 2.50 -21.89 4.46
C GLN A 74 1.63 -20.65 4.70
N MET A 75 1.81 -19.61 3.88
CA MET A 75 1.00 -18.40 4.04
C MET A 75 -0.48 -18.77 3.85
N PHE A 76 -0.80 -19.44 2.74
CA PHE A 76 -2.20 -19.69 2.40
C PHE A 76 -2.86 -20.70 3.38
N ASN A 77 -2.07 -21.64 3.91
CA ASN A 77 -2.55 -22.65 4.83
C ASN A 77 -2.70 -22.19 6.27
N GLY A 78 -2.26 -20.97 6.56
CA GLY A 78 -2.38 -20.42 7.92
C GLY A 78 -1.28 -20.81 8.88
N ALA A 79 -0.13 -21.22 8.38
CA ALA A 79 1.01 -21.46 9.23
C ALA A 79 1.46 -20.14 9.81
N LYS A 80 2.13 -20.20 10.95
CA LYS A 80 2.53 -19.02 11.70
C LYS A 80 3.80 -18.38 11.12
N ILE A 81 3.66 -17.84 9.92
CA ILE A 81 4.80 -17.26 9.25
C ILE A 81 5.22 -15.90 9.80
N ASN A 82 4.34 -15.23 10.56
CA ASN A 82 4.74 -14.08 11.35
C ASN A 82 5.37 -14.68 12.61
N SER A 83 6.67 -14.93 12.53
CA SER A 83 7.33 -15.78 13.47
C SER A 83 7.62 -15.10 14.79
N THR A 84 7.77 -13.78 14.80
CA THR A 84 8.15 -13.09 16.00
C THR A 84 6.98 -12.83 16.90
N GLU A 85 5.79 -12.81 16.30
CA GLU A 85 4.50 -12.68 17.01
C GLU A 85 3.71 -13.98 17.08
N HIS A 86 4.26 -15.05 16.52
CA HIS A 86 3.62 -16.39 16.47
C HIS A 86 2.17 -16.29 15.94
N ARG A 87 2.05 -15.65 14.78
CA ARG A 87 0.76 -15.42 14.13
C ARG A 87 0.75 -15.90 12.68
N ALA A 88 -0.44 -16.37 12.24
CA ALA A 88 -0.72 -16.56 10.81
C ALA A 88 -0.86 -15.20 10.13
N VAL A 89 -0.81 -15.23 8.80
CA VAL A 89 -0.79 -14.07 7.95
C VAL A 89 -1.77 -14.40 6.85
N LEU A 90 -3.01 -13.93 7.04
CA LEU A 90 -4.17 -14.46 6.31
C LEU A 90 -5.03 -13.38 5.68
N HIS A 91 -4.41 -12.28 5.28
CA HIS A 91 -5.15 -11.32 4.45
C HIS A 91 -5.73 -11.97 3.19
N THR A 92 -5.03 -12.97 2.65
CA THR A 92 -5.57 -13.74 1.51
C THR A 92 -6.92 -14.35 1.80
N ALA A 93 -7.14 -14.83 3.03
CA ALA A 93 -8.41 -15.46 3.32
C ALA A 93 -9.60 -14.51 3.30
N LEU A 94 -9.33 -13.22 3.50
CA LEU A 94 -10.38 -12.20 3.54
C LEU A 94 -11.08 -12.11 2.18
N ARG A 95 -10.40 -12.46 1.10
CA ARG A 95 -10.97 -12.34 -0.26
C ARG A 95 -11.12 -13.72 -0.93
N ASP A 96 -11.00 -14.81 -0.15
CA ASP A 96 -11.04 -16.14 -0.77
C ASP A 96 -12.38 -16.44 -1.47
N LEU A 97 -12.26 -17.09 -2.63
CA LEU A 97 -13.41 -17.62 -3.37
C LEU A 97 -13.29 -19.12 -3.61
N SER A 98 -12.16 -19.73 -3.21
CA SER A 98 -11.95 -21.19 -3.42
C SER A 98 -12.83 -22.05 -2.53
N SER A 99 -13.13 -21.58 -1.32
CA SER A 99 -13.89 -22.30 -0.30
C SER A 99 -13.21 -23.61 0.12
N THR A 100 -11.92 -23.73 -0.09
CA THR A 100 -11.22 -24.88 0.46
C THR A 100 -11.17 -24.91 1.96
N PRO A 101 -11.03 -26.11 2.56
CA PRO A 101 -10.99 -26.13 4.01
C PRO A 101 -9.86 -25.34 4.64
N LEU A 102 -10.18 -24.57 5.69
CA LEU A 102 -9.11 -23.76 6.36
C LEU A 102 -9.49 -23.53 7.82
N ILE A 103 -8.81 -24.23 8.71
CA ILE A 103 -9.09 -24.19 10.15
C ILE A 103 -7.81 -23.69 10.74
N VAL A 104 -7.88 -22.56 11.39
CA VAL A 104 -6.72 -21.95 12.01
C VAL A 104 -7.02 -21.49 13.44
N ASP A 105 -6.21 -22.00 14.37
CA ASP A 105 -6.36 -21.61 15.76
CA ASP A 105 -6.35 -21.74 15.81
C ASP A 105 -7.81 -21.95 16.20
N GLY A 106 -8.32 -23.10 15.81
CA GLY A 106 -9.66 -23.53 16.18
C GLY A 106 -10.82 -22.91 15.44
N GLN A 107 -10.60 -21.95 14.58
CA GLN A 107 -11.69 -21.30 13.83
C GLN A 107 -11.77 -21.80 12.40
N ASP A 108 -12.98 -21.93 11.92
CA ASP A 108 -13.22 -22.23 10.55
C ASP A 108 -13.14 -20.86 9.85
N ILE A 109 -12.00 -20.61 9.21
CA ILE A 109 -11.72 -19.27 8.64
C ILE A 109 -12.73 -18.93 7.56
N ARG A 110 -13.16 -19.93 6.78
CA ARG A 110 -14.13 -19.66 5.70
C ARG A 110 -15.45 -19.13 6.30
N GLN A 111 -15.92 -19.79 7.36
CA GLN A 111 -17.15 -19.38 8.09
C GLN A 111 -17.01 -18.02 8.75
N GLU A 112 -15.87 -17.78 9.40
CA GLU A 112 -15.60 -16.54 10.13
C GLU A 112 -15.64 -15.38 9.11
N VAL A 113 -14.93 -15.54 7.99
CA VAL A 113 -14.82 -14.45 7.01
C VAL A 113 -16.20 -14.19 6.40
N THR A 114 -16.87 -15.25 5.95
CA THR A 114 -18.20 -15.11 5.32
C THR A 114 -19.23 -14.47 6.22
N LYS A 115 -19.27 -14.90 7.47
CA LYS A 115 -20.29 -14.38 8.39
CA LYS A 115 -20.25 -14.38 8.43
C LYS A 115 -20.03 -12.89 8.67
N GLU A 116 -18.77 -12.50 8.81
CA GLU A 116 -18.47 -11.12 9.07
CA GLU A 116 -18.47 -11.08 9.06
C GLU A 116 -18.82 -10.25 7.84
N LYS A 117 -18.57 -10.75 6.63
CA LYS A 117 -18.97 -10.00 5.42
C LYS A 117 -20.47 -9.79 5.37
N GLN A 118 -21.22 -10.81 5.76
CA GLN A 118 -22.66 -10.71 5.73
CA GLN A 118 -22.67 -10.76 5.78
C GLN A 118 -23.10 -9.63 6.74
N ARG A 119 -22.42 -9.55 7.87
CA ARG A 119 -22.75 -8.48 8.83
C ARG A 119 -22.49 -7.10 8.28
N VAL A 120 -21.33 -6.90 7.63
CA VAL A 120 -20.99 -5.58 7.09
C VAL A 120 -21.97 -5.24 5.97
N LYS A 121 -22.27 -6.21 5.14
CA LYS A 121 -23.21 -6.01 4.04
C LYS A 121 -24.57 -5.54 4.58
N GLU A 122 -25.03 -6.18 5.65
CA GLU A 122 -26.32 -5.82 6.26
CA GLU A 122 -26.31 -5.83 6.29
C GLU A 122 -26.27 -4.42 6.86
N LEU A 123 -25.15 -4.03 7.47
CA LEU A 123 -25.00 -2.69 8.03
C LEU A 123 -25.11 -1.66 6.92
N VAL A 124 -24.33 -1.87 5.85
CA VAL A 124 -24.34 -0.92 4.74
C VAL A 124 -25.73 -0.78 4.13
N GLU A 125 -26.43 -1.90 3.91
CA GLU A 125 -27.78 -1.86 3.34
CA GLU A 125 -27.77 -1.84 3.31
C GLU A 125 -28.77 -1.16 4.26
N LYS A 126 -28.63 -1.39 5.56
CA LYS A 126 -29.54 -0.78 6.53
C LYS A 126 -29.33 0.74 6.55
N VAL A 127 -28.08 1.19 6.44
CA VAL A 127 -27.80 2.62 6.45
C VAL A 127 -28.24 3.26 5.13
N VAL A 128 -27.88 2.62 4.03
CA VAL A 128 -28.14 3.19 2.70
C VAL A 128 -29.63 3.24 2.44
N SER A 129 -30.37 2.20 2.86
CA SER A 129 -31.82 2.11 2.66
C SER A 129 -32.63 3.10 3.52
N GLY A 130 -31.99 3.66 4.53
CA GLY A 130 -32.67 4.49 5.50
C GLY A 130 -33.35 3.78 6.63
N ARG A 131 -33.16 2.47 6.79
CA ARG A 131 -33.63 1.75 7.95
C ARG A 131 -32.86 2.11 9.22
N TRP A 132 -31.56 2.37 9.09
CA TRP A 132 -30.78 2.99 10.18
C TRP A 132 -31.09 4.45 10.29
N ARG A 133 -31.51 4.88 11.46
CA ARG A 133 -31.77 6.29 11.70
C ARG A 133 -30.85 6.76 12.82
N GLY A 134 -30.53 8.05 12.80
CA GLY A 134 -29.89 8.64 13.92
C GLY A 134 -30.80 8.73 15.12
N PHE A 135 -30.26 9.24 16.22
CA PHE A 135 -30.98 9.27 17.47
C PHE A 135 -32.23 10.16 17.41
N SER A 136 -32.21 11.19 16.58
CA SER A 136 -33.41 12.03 16.40
C SER A 136 -34.32 11.55 15.25
N GLY A 137 -34.02 10.42 14.68
CA GLY A 137 -34.86 9.75 13.70
C GLY A 137 -34.54 10.03 12.25
N LYS A 138 -33.42 10.69 11.96
CA LYS A 138 -33.08 11.09 10.58
C LYS A 138 -32.20 10.08 9.87
N LYS A 139 -32.37 10.03 8.55
CA LYS A 139 -31.53 9.17 7.72
CA LYS A 139 -31.54 9.18 7.68
C LYS A 139 -30.09 9.70 7.71
N ILE A 140 -29.15 8.77 7.66
CA ILE A 140 -27.74 9.11 7.58
C ILE A 140 -27.38 9.59 6.19
N THR A 141 -26.54 10.63 6.14
CA THR A 141 -26.03 11.19 4.90
C THR A 141 -24.52 11.15 4.79
N ASP A 142 -23.82 10.99 5.93
CA ASP A 142 -22.38 11.09 6.00
C ASP A 142 -21.80 10.01 6.91
N ILE A 143 -20.66 9.51 6.49
CA ILE A 143 -19.90 8.48 7.20
C ILE A 143 -18.55 9.05 7.51
N VAL A 144 -18.11 8.94 8.77
CA VAL A 144 -16.81 9.41 9.14
C VAL A 144 -15.98 8.27 9.70
N ASN A 145 -14.96 7.86 8.95
CA ASN A 145 -14.02 6.83 9.43
C ASN A 145 -12.97 7.49 10.33
N ILE A 146 -12.76 6.92 11.51
CA ILE A 146 -11.74 7.42 12.44
C ILE A 146 -10.74 6.32 12.60
N GLY A 147 -9.52 6.54 12.11
CA GLY A 147 -8.46 5.54 12.23
C GLY A 147 -7.20 6.07 11.63
N ILE A 148 -6.07 5.41 11.89
CA ILE A 148 -4.79 5.88 11.31
C ILE A 148 -4.01 4.68 10.79
N GLY A 149 -3.09 4.99 9.88
CA GLY A 149 -2.27 3.98 9.23
C GLY A 149 -3.10 3.01 8.44
N GLY A 150 -2.96 1.73 8.73
CA GLY A 150 -3.72 0.72 8.04
C GLY A 150 -5.25 0.79 8.21
N SER A 151 -5.69 1.47 9.26
CA SER A 151 -7.10 1.71 9.50
C SER A 151 -7.62 2.99 8.85
N ASP A 152 -6.80 3.58 8.00
CA ASP A 152 -7.14 4.83 7.27
C ASP A 152 -6.76 4.77 5.80
N LEU A 153 -5.49 4.48 5.50
CA LEU A 153 -4.96 4.78 4.20
CA LEU A 153 -4.91 4.74 4.17
C LEU A 153 -5.53 3.86 3.09
N GLY A 154 -5.63 2.56 3.35
CA GLY A 154 -6.24 1.67 2.33
C GLY A 154 -7.64 2.05 1.95
N PRO A 155 -8.55 2.22 2.94
CA PRO A 155 -9.87 2.67 2.60
C PRO A 155 -9.92 4.05 1.91
N LYS A 156 -9.10 4.99 2.36
CA LYS A 156 -9.07 6.32 1.76
C LYS A 156 -8.61 6.23 0.30
N MET A 157 -7.56 5.45 0.07
CA MET A 157 -6.99 5.30 -1.27
C MET A 157 -8.02 4.66 -2.24
N VAL A 158 -8.69 3.63 -1.74
CA VAL A 158 -9.63 2.87 -2.58
C VAL A 158 -10.88 3.72 -2.88
N VAL A 159 -11.39 4.43 -1.87
CA VAL A 159 -12.55 5.29 -2.06
C VAL A 159 -12.24 6.33 -3.17
N ARG A 160 -11.06 6.95 -3.12
CA ARG A 160 -10.68 7.89 -4.21
C ARG A 160 -10.53 7.17 -5.51
N ALA A 161 -9.84 6.03 -5.50
CA ALA A 161 -9.50 5.35 -6.75
C ALA A 161 -10.77 4.93 -7.49
N LEU A 162 -11.85 4.61 -6.78
CA LEU A 162 -13.09 4.14 -7.34
C LEU A 162 -14.19 5.17 -7.24
N GLN A 163 -13.81 6.45 -7.27
CA GLN A 163 -14.75 7.54 -7.23
C GLN A 163 -15.86 7.46 -8.30
N PRO A 164 -15.53 7.00 -9.51
CA PRO A 164 -16.60 6.94 -10.50
C PRO A 164 -17.72 5.94 -10.17
N TYR A 165 -17.41 5.04 -9.25
CA TYR A 165 -18.32 3.94 -8.85
C TYR A 165 -19.08 4.30 -7.56
N HIS A 166 -18.87 5.49 -7.00
CA HIS A 166 -19.66 5.89 -5.83
C HIS A 166 -21.14 5.86 -6.15
N CYS A 167 -21.96 5.27 -5.27
CA CYS A 167 -23.34 5.06 -5.62
C CYS A 167 -24.31 4.98 -4.47
N THR A 168 -23.87 5.31 -3.26
CA THR A 168 -24.77 5.12 -2.10
C THR A 168 -25.46 6.38 -1.61
N ASP A 169 -25.14 7.53 -2.22
CA ASP A 169 -25.63 8.84 -1.76
C ASP A 169 -25.08 9.25 -0.38
N LEU A 170 -24.08 8.54 0.10
CA LEU A 170 -23.39 8.94 1.32
C LEU A 170 -22.08 9.59 0.96
N LYS A 171 -21.70 10.58 1.76
CA LYS A 171 -20.35 11.14 1.67
C LYS A 171 -19.51 10.50 2.76
N VAL A 172 -18.33 10.07 2.38
CA VAL A 172 -17.43 9.35 3.28
C VAL A 172 -16.19 10.22 3.56
N HIS A 173 -15.84 10.41 4.82
CA HIS A 173 -14.80 11.31 5.27
C HIS A 173 -13.83 10.46 6.12
N PHE A 174 -12.55 10.83 6.09
CA PHE A 174 -11.48 10.11 6.78
C PHE A 174 -10.75 11.06 7.77
N VAL A 175 -10.87 10.71 9.05
CA VAL A 175 -10.20 11.40 10.15
C VAL A 175 -9.10 10.47 10.61
N SER A 176 -7.88 10.99 10.74
CA SER A 176 -6.74 10.14 11.09
C SER A 176 -5.68 10.74 12.02
N ASN A 177 -4.99 11.77 11.54
CA ASN A 177 -3.93 12.39 12.30
C ASN A 177 -4.49 12.81 13.66
N VAL A 178 -3.64 12.79 14.68
CA VAL A 178 -4.01 13.45 15.95
C VAL A 178 -4.14 14.98 15.81
N ASP A 179 -3.42 15.57 14.83
CA ASP A 179 -3.57 17.00 14.51
C ASP A 179 -5.07 17.23 14.31
N ALA A 180 -5.70 18.07 15.13
CA ALA A 180 -7.14 18.23 15.11
C ALA A 180 -7.65 18.86 13.82
N ASP A 181 -6.75 19.39 12.98
CA ASP A 181 -7.19 19.78 11.64
C ASP A 181 -7.93 18.63 10.95
N SER A 182 -7.48 17.37 11.13
CA SER A 182 -8.08 16.23 10.47
C SER A 182 -9.53 16.01 10.91
N LEU A 183 -9.73 15.95 12.23
CA LEU A 183 -11.11 15.82 12.76
C LEU A 183 -11.97 17.02 12.33
N LEU A 184 -11.41 18.21 12.40
CA LEU A 184 -12.17 19.43 12.04
C LEU A 184 -12.59 19.47 10.58
N GLN A 185 -11.78 18.97 9.67
CA GLN A 185 -12.19 18.98 8.26
C GLN A 185 -13.49 18.19 8.06
N ALA A 186 -13.67 17.11 8.85
CA ALA A 186 -14.92 16.35 8.81
C ALA A 186 -16.03 17.04 9.57
N LEU A 187 -15.75 17.41 10.81
CA LEU A 187 -16.81 18.02 11.66
C LEU A 187 -17.37 19.30 11.08
N HIS A 188 -16.55 20.07 10.36
CA HIS A 188 -17.00 21.32 9.77
C HIS A 188 -18.08 21.12 8.69
N VAL A 189 -18.20 19.94 8.11
CA VAL A 189 -19.11 19.69 6.98
C VAL A 189 -20.17 18.59 7.24
N VAL A 190 -20.21 18.10 8.48
CA VAL A 190 -21.20 17.08 8.87
C VAL A 190 -22.07 17.48 10.01
N ASP A 191 -23.28 16.88 10.06
CA ASP A 191 -24.30 17.18 11.07
C ASP A 191 -24.38 15.98 12.02
N PRO A 192 -24.31 16.21 13.33
CA PRO A 192 -24.33 15.06 14.23
C PRO A 192 -25.59 14.20 14.07
N GLU A 193 -26.72 14.79 13.67
CA GLU A 193 -27.91 14.01 13.57
C GLU A 193 -27.97 13.08 12.36
N THR A 194 -27.11 13.28 11.37
CA THR A 194 -27.12 12.52 10.13
C THR A 194 -25.78 11.88 9.78
N THR A 195 -24.92 11.69 10.79
CA THR A 195 -23.61 11.14 10.61
C THR A 195 -23.42 9.84 11.40
N LEU A 196 -22.89 8.85 10.71
CA LEU A 196 -22.41 7.60 11.37
C LEU A 196 -20.88 7.61 11.40
N LEU A 197 -20.34 7.40 12.61
CA LEU A 197 -18.93 7.43 12.87
C LEU A 197 -18.45 5.97 13.07
N ILE A 198 -17.33 5.69 12.47
CA ILE A 198 -16.69 4.35 12.50
C ILE A 198 -15.39 4.48 13.24
N ILE A 199 -15.22 3.74 14.34
CA ILE A 199 -13.92 3.72 14.99
C ILE A 199 -13.19 2.48 14.47
N ALA A 200 -12.21 2.69 13.61
CA ALA A 200 -11.48 1.60 12.96
C ALA A 200 -10.19 1.41 13.75
N SER A 201 -10.16 0.41 14.62
CA SER A 201 -8.95 0.21 15.45
C SER A 201 -8.84 -1.23 15.94
N LYS A 202 -7.91 -1.94 15.32
CA LYS A 202 -7.59 -3.38 15.70
C LYS A 202 -7.38 -3.44 17.18
N SER A 203 -6.50 -2.59 17.67
CA SER A 203 -6.15 -2.58 19.13
C SER A 203 -7.10 -1.85 20.10
N PHE A 204 -7.82 -0.84 19.60
CA PHE A 204 -8.57 0.07 20.39
C PHE A 204 -7.75 0.87 21.40
N SER A 205 -6.44 0.97 21.16
CA SER A 205 -5.58 1.72 22.09
C SER A 205 -4.50 2.53 21.35
N THR A 206 -4.77 2.94 20.14
CA THR A 206 -3.84 3.77 19.39
C THR A 206 -4.06 5.22 19.85
N GLU A 207 -3.00 5.93 20.23
CA GLU A 207 -3.09 7.28 20.80
CA GLU A 207 -3.21 7.23 20.87
C GLU A 207 -3.96 8.21 19.98
N GLU A 208 -3.63 8.28 18.70
CA GLU A 208 -4.36 9.21 17.80
C GLU A 208 -5.87 8.93 17.70
N THR A 209 -6.20 7.66 17.54
CA THR A 209 -7.56 7.22 17.37
C THR A 209 -8.35 7.35 18.64
N LEU A 210 -7.69 7.12 19.78
CA LEU A 210 -8.29 7.40 21.06
C LEU A 210 -8.73 8.86 21.19
N LEU A 211 -7.80 9.78 20.94
CA LEU A 211 -8.10 11.21 21.10
C LEU A 211 -9.17 11.63 20.09
N ASN A 212 -9.06 11.17 18.85
CA ASN A 212 -10.05 11.52 17.82
C ASN A 212 -11.44 11.01 18.17
N SER A 213 -11.52 9.77 18.63
CA SER A 213 -12.80 9.14 18.93
CA SER A 213 -12.81 9.17 18.89
C SER A 213 -13.44 9.81 20.14
N ILE A 214 -12.63 10.14 21.17
CA ILE A 214 -13.17 10.83 22.34
C ILE A 214 -13.69 12.23 21.93
N SER A 215 -12.89 12.94 21.16
CA SER A 215 -13.31 14.23 20.65
C SER A 215 -14.57 14.17 19.81
N ALA A 216 -14.70 13.15 18.99
CA ALA A 216 -15.90 13.01 18.15
C ALA A 216 -17.11 12.70 19.04
N ARG A 217 -16.91 11.90 20.06
CA ARG A 217 -17.99 11.58 20.97
CA ARG A 217 -17.99 11.58 20.98
C ARG A 217 -18.45 12.83 21.73
N GLU A 218 -17.48 13.66 22.14
CA GLU A 218 -17.80 14.91 22.83
C GLU A 218 -18.60 15.85 21.93
N TRP A 219 -18.26 15.93 20.65
CA TRP A 219 -19.04 16.70 19.68
C TRP A 219 -20.46 16.18 19.56
N LEU A 220 -20.62 14.86 19.49
CA LEU A 220 -21.93 14.23 19.33
C LEU A 220 -22.74 14.53 20.56
N LEU A 221 -22.15 14.35 21.72
CA LEU A 221 -22.91 14.52 22.96
C LEU A 221 -23.14 15.99 23.32
N ASP A 222 -22.25 16.88 22.86
CA ASP A 222 -22.48 18.33 22.99
C ASP A 222 -23.81 18.70 22.30
N HIS A 223 -24.08 18.04 21.18
CA HIS A 223 -25.29 18.28 20.44
C HIS A 223 -26.51 17.66 21.11
N TYR A 224 -26.47 16.35 21.30
CA TYR A 224 -27.63 15.64 21.81
C TYR A 224 -27.83 15.71 23.30
N GLU A 225 -26.77 15.88 24.07
CA GLU A 225 -26.90 15.95 25.55
C GLU A 225 -27.56 14.69 26.17
N ASP A 226 -27.35 13.55 25.52
CA ASP A 226 -27.96 12.30 25.92
C ASP A 226 -26.99 11.20 25.46
N GLU A 227 -26.41 10.50 26.43
CA GLU A 227 -25.47 9.39 26.15
C GLU A 227 -26.03 8.27 25.30
N LYS A 228 -27.35 8.12 25.31
CA LYS A 228 -28.01 7.10 24.48
CA LYS A 228 -28.02 7.10 24.49
C LYS A 228 -27.83 7.32 22.99
N ALA A 229 -27.48 8.55 22.56
CA ALA A 229 -27.27 8.82 21.16
C ALA A 229 -26.07 8.10 20.58
N VAL A 230 -25.13 7.67 21.43
CA VAL A 230 -23.95 6.97 20.94
C VAL A 230 -24.33 5.73 20.14
N ALA A 231 -25.39 5.07 20.53
CA ALA A 231 -25.80 3.83 19.91
C ALA A 231 -26.17 4.02 18.48
N ASN A 232 -26.77 5.15 18.14
CA ASN A 232 -27.21 5.36 16.76
C ASN A 232 -26.13 5.97 15.88
N HIS A 233 -25.00 6.38 16.45
CA HIS A 233 -24.04 7.19 15.69
C HIS A 233 -22.60 6.66 15.70
N PHE A 234 -22.37 5.51 16.32
CA PHE A 234 -21.03 4.91 16.32
C PHE A 234 -21.10 3.45 16.06
N VAL A 235 -20.17 2.96 15.24
CA VAL A 235 -19.84 1.54 15.15
C VAL A 235 -18.34 1.41 15.34
N ALA A 236 -17.85 0.20 15.63
CA ALA A 236 -16.40 -0.03 15.86
C ALA A 236 -15.99 -1.24 15.09
N ILE A 237 -14.72 -1.24 14.68
CA ILE A 237 -14.07 -2.45 14.08
C ILE A 237 -12.87 -2.68 14.98
N SER A 238 -12.75 -3.88 15.51
N SER A 238 -13.04 -3.62 15.95
CA SER A 238 -11.63 -4.12 16.40
CA SER A 238 -12.09 -3.84 17.09
C SER A 238 -11.55 -5.54 16.79
C SER A 238 -12.25 -5.20 17.73
N SER A 239 -10.29 -5.97 16.85
N SER A 239 -11.11 -5.71 18.24
CA SER A 239 -9.94 -7.31 17.30
CA SER A 239 -11.06 -6.99 18.95
C SER A 239 -10.06 -7.46 18.81
C SER A 239 -11.22 -6.74 20.45
N LYS A 240 -10.23 -6.33 19.54
N LYS A 240 -11.35 -5.48 20.85
CA LYS A 240 -10.21 -6.22 20.98
CA LYS A 240 -11.35 -5.09 22.27
C LYS A 240 -11.58 -5.78 21.52
C LYS A 240 -12.75 -4.76 22.83
N LEU A 241 -12.50 -6.74 21.53
N LEU A 241 -13.57 -5.80 23.04
CA LEU A 241 -13.92 -6.48 21.79
CA LEU A 241 -14.99 -5.61 23.36
C LEU A 241 -14.21 -5.90 23.18
C LEU A 241 -15.37 -4.73 24.56
N ASP A 242 -13.31 -6.15 24.12
N ASP A 242 -14.71 -4.83 25.71
CA ASP A 242 -13.50 -5.68 25.50
CA ASP A 242 -15.17 -4.09 26.89
C ASP A 242 -13.36 -4.16 25.66
C ASP A 242 -14.97 -2.56 26.76
N LYS A 243 -12.39 -3.55 24.98
N LYS A 243 -13.92 -2.15 26.07
CA LYS A 243 -12.22 -2.08 25.03
CA LYS A 243 -13.73 -0.72 25.84
C LYS A 243 -13.35 -1.35 24.33
C LYS A 243 -14.78 -0.13 24.88
N VAL A 244 -13.98 -2.00 23.35
N VAL A 244 -15.13 -0.90 23.85
CA VAL A 244 -15.07 -1.37 22.62
CA VAL A 244 -16.20 -0.56 22.90
C VAL A 244 -16.22 -1.07 23.60
C VAL A 244 -17.51 -0.37 23.64
N LYS A 245 -16.57 -2.04 24.45
N LYS A 245 -17.87 -1.40 24.40
CA LYS A 245 -17.62 -1.74 25.45
CA LYS A 245 -18.77 -1.31 25.54
C LYS A 245 -17.28 -0.63 26.48
C LYS A 245 -18.69 0.03 26.23
N GLU A 246 -16.03 -0.47 26.90
N GLU A 246 -17.57 0.26 26.93
CA GLU A 246 -15.66 0.66 27.80
CA GLU A 246 -17.40 1.48 27.72
C GLU A 246 -15.87 2.04 27.16
C GLU A 246 -17.67 2.75 26.91
N PHE A 247 -15.77 2.10 25.84
N PHE A 247 -17.41 2.71 25.60
CA PHE A 247 -16.02 3.32 25.13
CA PHE A 247 -17.52 3.91 24.78
C PHE A 247 -17.52 3.62 25.05
C PHE A 247 -19.00 4.28 24.54
N GLY A 248 -18.37 2.58 25.21
N GLY A 248 -19.85 3.27 24.46
CA GLY A 248 -19.82 2.75 25.17
CA GLY A 248 -21.27 3.53 24.25
C GLY A 248 -20.56 2.10 24.03
C GLY A 248 -21.83 2.79 23.06
N ILE A 249 -19.84 1.29 23.24
N ILE A 249 -21.02 1.93 22.47
CA ILE A 249 -20.40 0.69 22.03
CA ILE A 249 -21.33 1.28 21.24
C ILE A 249 -20.77 -0.78 22.31
C ILE A 249 -22.05 -0.07 21.43
N ASP A 250 -22.03 -1.11 22.00
N ASP A 250 -23.12 -0.28 20.67
CA ASP A 250 -22.63 -2.45 22.06
CA ASP A 250 -23.78 -1.60 20.64
C ASP A 250 -21.86 -3.45 21.20
C ASP A 250 -22.86 -2.77 20.19
N LEU A 251 -21.85 -4.72 21.57
N LEU A 251 -22.73 -3.80 21.00
CA LEU A 251 -21.28 -5.75 20.69
CA LEU A 251 -21.79 -4.88 20.66
C LEU A 251 -21.98 -5.89 19.33
C LEU A 251 -22.28 -5.58 19.40
N GLU A 252 -23.28 -5.60 19.27
N GLU A 252 -23.58 -5.42 19.13
CA GLU A 252 -24.01 -5.67 18.02
CA GLU A 252 -24.15 -5.71 17.84
C GLU A 252 -23.51 -4.58 17.05
C GLU A 252 -23.52 -4.83 16.74
N HIS A 253 -22.89 -3.54 17.58
N HIS A 253 -22.89 -3.73 17.13
CA HIS A 253 -22.29 -2.53 16.71
CA HIS A 253 -22.20 -2.94 16.10
C HIS A 253 -20.73 -2.64 16.63
C HIS A 253 -20.72 -2.77 16.38
N CYS A 254 -20.17 -3.83 16.94
CA CYS A 254 -18.73 -4.06 16.92
C CYS A 254 -18.47 -5.13 15.85
N TYR A 255 -17.50 -4.87 14.98
CA TYR A 255 -17.19 -5.71 13.82
C TYR A 255 -15.82 -6.28 14.12
N LYS A 256 -15.62 -7.51 13.66
CA LYS A 256 -14.44 -8.26 14.05
CA LYS A 256 -14.47 -8.34 14.01
C LYS A 256 -13.21 -7.95 13.25
N MET A 257 -12.09 -8.06 13.91
CA MET A 257 -10.85 -8.10 13.22
CA MET A 257 -10.76 -7.91 13.34
C MET A 257 -9.93 -9.09 13.87
N TRP A 258 -9.32 -9.94 13.06
CA TRP A 258 -8.59 -11.02 13.67
C TRP A 258 -7.11 -10.71 13.75
N ASP A 259 -6.38 -11.41 14.61
CA ASP A 259 -4.96 -11.17 14.81
CA ASP A 259 -4.96 -11.12 14.79
C ASP A 259 -4.14 -11.42 13.53
N TRP A 260 -4.64 -12.33 12.68
CA TRP A 260 -3.97 -12.69 11.41
C TRP A 260 -4.19 -11.74 10.25
N VAL A 261 -4.86 -10.64 10.53
CA VAL A 261 -4.98 -9.52 9.60
C VAL A 261 -4.06 -8.39 10.04
N GLY A 262 -2.96 -8.20 9.33
CA GLY A 262 -2.09 -7.06 9.63
C GLY A 262 -2.78 -5.78 9.26
N GLY A 263 -2.53 -4.70 10.03
CA GLY A 263 -3.11 -3.42 9.67
C GLY A 263 -2.87 -2.95 8.27
N ARG A 264 -1.63 -3.07 7.80
CA ARG A 264 -1.32 -2.66 6.46
C ARG A 264 -1.79 -3.65 5.34
N TYR A 265 -2.51 -4.72 5.74
CA TYR A 265 -3.14 -5.65 4.84
C TYR A 265 -4.62 -5.81 5.18
N SER A 266 -5.22 -4.76 5.74
CA SER A 266 -6.55 -4.89 6.36
C SER A 266 -7.70 -4.29 5.55
N LEU A 267 -7.45 -3.60 4.43
CA LEU A 267 -8.60 -2.98 3.73
C LEU A 267 -9.64 -3.99 3.28
N TRP A 268 -9.22 -5.24 3.11
CA TRP A 268 -10.05 -6.34 2.64
C TRP A 268 -11.03 -6.87 3.69
N SER A 269 -10.76 -6.48 4.96
CA SER A 269 -11.49 -6.91 6.13
C SER A 269 -12.68 -5.96 6.40
N SER A 270 -13.30 -6.10 7.58
CA SER A 270 -14.33 -5.15 8.01
C SER A 270 -13.78 -3.73 8.12
N ILE A 271 -12.44 -3.60 8.25
CA ILE A 271 -11.81 -2.25 8.18
C ILE A 271 -12.16 -1.53 6.87
N GLY A 272 -12.42 -2.26 5.81
CA GLY A 272 -12.85 -1.68 4.54
C GLY A 272 -14.32 -1.27 4.45
N MET A 273 -15.06 -1.24 5.56
CA MET A 273 -16.47 -0.95 5.48
C MET A 273 -16.73 0.42 4.90
N SER A 274 -15.83 1.37 5.17
CA SER A 274 -16.00 2.72 4.59
C SER A 274 -15.93 2.67 3.05
N ILE A 275 -15.18 1.72 2.51
CA ILE A 275 -15.19 1.52 1.06
C ILE A 275 -16.57 1.14 0.60
N ALA A 276 -17.15 0.14 1.25
CA ALA A 276 -18.51 -0.28 0.93
C ALA A 276 -19.57 0.81 1.08
N PHE A 277 -19.37 1.70 2.04
CA PHE A 277 -20.32 2.77 2.26
C PHE A 277 -20.24 3.79 1.11
N ALA A 278 -19.13 3.79 0.38
CA ALA A 278 -19.01 4.71 -0.81
C ALA A 278 -19.49 4.04 -2.10
N ILE A 279 -19.02 2.82 -2.35
CA ILE A 279 -19.26 2.16 -3.65
C ILE A 279 -20.29 1.02 -3.64
N GLY A 280 -20.90 0.75 -2.48
CA GLY A 280 -21.82 -0.34 -2.30
C GLY A 280 -21.14 -1.68 -2.09
N TYR A 281 -21.83 -2.58 -1.43
CA TYR A 281 -21.22 -3.87 -1.06
C TYR A 281 -20.93 -4.71 -2.32
N ASP A 282 -21.79 -4.67 -3.34
CA ASP A 282 -21.51 -5.46 -4.56
C ASP A 282 -20.11 -5.10 -5.12
N ASN A 283 -19.82 -3.81 -5.18
CA ASN A 283 -18.53 -3.33 -5.74
C ASN A 283 -17.37 -3.70 -4.81
N PHE A 284 -17.60 -3.64 -3.51
CA PHE A 284 -16.61 -4.16 -2.53
C PHE A 284 -16.32 -5.66 -2.81
N GLU A 285 -17.34 -6.47 -3.10
CA GLU A 285 -17.09 -7.88 -3.49
C GLU A 285 -16.26 -7.97 -4.75
N LYS A 286 -16.48 -7.08 -5.71
CA LYS A 286 -15.69 -7.09 -6.91
C LYS A 286 -14.23 -6.78 -6.64
N LEU A 287 -13.97 -5.81 -5.77
CA LEU A 287 -12.62 -5.47 -5.33
C LEU A 287 -11.93 -6.72 -4.73
N LEU A 288 -12.64 -7.44 -3.87
CA LEU A 288 -12.06 -8.64 -3.27
C LEU A 288 -11.84 -9.72 -4.35
N ALA A 289 -12.78 -9.88 -5.30
CA ALA A 289 -12.62 -10.88 -6.35
C ALA A 289 -11.40 -10.61 -7.22
N GLY A 290 -11.09 -9.36 -7.43
CA GLY A 290 -9.90 -8.99 -8.23
C GLY A 290 -8.62 -9.46 -7.53
N ALA A 291 -8.57 -9.19 -6.22
CA ALA A 291 -7.46 -9.66 -5.43
C ALA A 291 -7.38 -11.20 -5.46
N TYR A 292 -8.50 -11.88 -5.29
CA TYR A 292 -8.52 -13.35 -5.34
C TYR A 292 -7.89 -13.86 -6.65
N SER A 293 -8.24 -13.23 -7.76
CA SER A 293 -7.70 -13.68 -9.06
C SER A 293 -6.20 -13.68 -9.04
N VAL A 294 -5.60 -12.65 -8.42
CA VAL A 294 -4.14 -12.57 -8.29
C VAL A 294 -3.60 -13.54 -7.27
N ASP A 295 -4.32 -13.76 -6.17
CA ASP A 295 -3.91 -14.77 -5.21
C ASP A 295 -3.80 -16.17 -5.90
N LYS A 296 -4.80 -16.52 -6.69
CA LYS A 296 -4.77 -17.79 -7.43
C LYS A 296 -3.58 -17.87 -8.43
N HIS A 297 -3.37 -16.79 -9.17
CA HIS A 297 -2.21 -16.67 -10.04
C HIS A 297 -0.92 -16.90 -9.27
N PHE A 298 -0.78 -16.22 -8.13
CA PHE A 298 0.47 -16.23 -7.39
C PHE A 298 0.72 -17.61 -6.78
N LYS A 299 -0.34 -18.22 -6.24
CA LYS A 299 -0.23 -19.53 -5.58
C LYS A 299 -0.01 -20.67 -6.54
N GLU A 300 -0.49 -20.54 -7.79
CA GLU A 300 -0.51 -21.68 -8.71
C GLU A 300 0.48 -21.63 -9.87
N THR A 301 1.08 -20.46 -10.12
CA THR A 301 1.85 -20.27 -11.34
C THR A 301 3.33 -20.48 -11.13
N GLU A 302 3.96 -21.26 -12.02
CA GLU A 302 5.42 -21.42 -11.97
C GLU A 302 6.14 -20.10 -11.95
N PHE A 303 7.26 -20.05 -11.23
CA PHE A 303 7.91 -18.75 -10.97
C PHE A 303 8.28 -17.93 -12.22
N SER A 304 8.68 -18.62 -13.28
CA SER A 304 9.08 -17.89 -14.51
C SER A 304 7.93 -17.14 -15.19
N LYS A 305 6.68 -17.43 -14.81
CA LYS A 305 5.49 -16.82 -15.39
CA LYS A 305 5.51 -16.81 -15.39
C LYS A 305 4.63 -16.14 -14.32
N ASN A 306 5.20 -15.91 -13.13
CA ASN A 306 4.49 -15.47 -11.94
C ASN A 306 4.80 -13.99 -11.73
N ILE A 307 3.80 -13.15 -11.91
CA ILE A 307 4.04 -11.70 -11.98
C ILE A 307 4.62 -11.16 -10.66
N PRO A 308 4.02 -11.46 -9.49
CA PRO A 308 4.65 -10.96 -8.28
C PRO A 308 6.07 -11.46 -8.01
N VAL A 309 6.37 -12.69 -8.40
CA VAL A 309 7.71 -13.19 -8.24
C VAL A 309 8.69 -12.42 -9.13
N ILE A 310 8.34 -12.20 -10.40
CA ILE A 310 9.18 -11.37 -11.28
C ILE A 310 9.35 -9.96 -10.74
N MET A 311 8.27 -9.31 -10.29
CA MET A 311 8.39 -7.98 -9.67
C MET A 311 9.42 -7.98 -8.53
N ALA A 312 9.32 -8.98 -7.65
CA ALA A 312 10.20 -9.05 -6.50
C ALA A 312 11.65 -9.31 -6.91
N LEU A 313 11.86 -10.23 -7.87
CA LEU A 313 13.21 -10.55 -8.28
C LEU A 313 13.88 -9.33 -8.90
N LEU A 314 13.18 -8.61 -9.74
CA LEU A 314 13.75 -7.42 -10.39
C LEU A 314 14.11 -6.39 -9.33
N ALA A 315 13.22 -6.17 -8.36
CA ALA A 315 13.43 -5.10 -7.40
C ALA A 315 14.61 -5.43 -6.53
N SER A 316 14.66 -6.65 -6.03
CA SER A 316 15.76 -7.04 -5.15
C SER A 316 17.08 -7.14 -5.94
N TYR A 317 17.00 -7.54 -7.20
CA TYR A 317 18.21 -7.52 -8.03
C TYR A 317 18.79 -6.13 -8.11
N TYR A 318 17.96 -5.14 -8.39
CA TYR A 318 18.51 -3.79 -8.52
C TYR A 318 19.11 -3.33 -7.17
N SER A 319 18.41 -3.56 -6.05
CA SER A 319 18.83 -2.97 -4.81
C SER A 319 20.05 -3.67 -4.27
N CYS A 320 20.26 -4.94 -4.66
CA CYS A 320 21.49 -5.68 -4.42
C CYS A 320 22.64 -5.27 -5.33
N THR A 321 22.47 -5.38 -6.63
CA THR A 321 23.57 -5.28 -7.58
CA THR A 321 23.59 -5.29 -7.56
C THR A 321 23.98 -3.87 -7.93
N TYR A 322 23.00 -2.96 -8.00
CA TYR A 322 23.25 -1.56 -8.33
C TYR A 322 23.30 -0.68 -7.07
N ASN A 323 23.04 -1.30 -5.92
CA ASN A 323 22.98 -0.62 -4.62
C ASN A 323 22.03 0.54 -4.62
N SER A 324 20.99 0.46 -5.42
CA SER A 324 19.93 1.48 -5.35
C SER A 324 19.20 1.45 -4.00
N GLN A 325 18.75 2.63 -3.58
CA GLN A 325 18.13 2.81 -2.24
C GLN A 325 16.71 3.32 -2.31
N SER A 326 16.13 3.33 -3.52
CA SER A 326 14.79 3.72 -3.71
C SER A 326 14.20 3.13 -4.96
N GLN A 327 12.87 3.14 -5.04
CA GLN A 327 12.14 2.74 -6.24
C GLN A 327 11.02 3.76 -6.47
N ALA A 328 10.77 4.09 -7.74
CA ALA A 328 9.78 5.05 -8.11
C ALA A 328 8.57 4.34 -8.72
N LEU A 329 7.38 4.76 -8.28
CA LEU A 329 6.11 4.22 -8.73
C LEU A 329 5.29 5.39 -9.30
N LEU A 330 4.94 5.30 -10.57
CA LEU A 330 4.38 6.43 -11.29
C LEU A 330 3.00 6.06 -11.90
N PRO A 331 1.94 6.28 -11.16
CA PRO A 331 0.60 5.94 -11.66
C PRO A 331 0.05 7.03 -12.56
N TYR A 332 -0.23 6.64 -13.82
CA TYR A 332 -0.74 7.60 -14.85
C TYR A 332 -2.27 7.72 -14.85
N ASP A 333 -2.81 8.02 -13.66
CA ASP A 333 -4.24 8.22 -13.47
C ASP A 333 -4.44 8.99 -12.17
N GLU A 334 -5.14 10.09 -12.31
CA GLU A 334 -5.50 10.94 -11.16
C GLU A 334 -6.19 10.15 -10.02
N ARG A 335 -6.96 9.14 -10.39
CA ARG A 335 -7.69 8.39 -9.36
C ARG A 335 -6.75 7.68 -8.41
N LEU A 336 -5.52 7.41 -8.86
CA LEU A 336 -4.51 6.71 -8.07
C LEU A 336 -3.60 7.65 -7.25
N CYS A 337 -4.11 8.84 -6.92
CA CYS A 337 -3.32 9.79 -6.17
C CYS A 337 -2.87 9.40 -4.79
N TYR A 338 -3.54 8.44 -4.14
CA TYR A 338 -3.08 7.91 -2.88
C TYR A 338 -2.41 6.52 -2.96
N PHE A 339 -2.19 6.02 -4.18
CA PHE A 339 -1.64 4.70 -4.35
C PHE A 339 -0.18 4.62 -3.86
N VAL A 340 0.65 5.58 -4.22
CA VAL A 340 2.04 5.56 -3.68
C VAL A 340 2.06 5.60 -2.16
N ASP A 341 1.22 6.48 -1.56
CA ASP A 341 1.15 6.60 -0.09
C ASP A 341 0.81 5.22 0.56
N TYR A 342 -0.16 4.54 -0.06
CA TYR A 342 -0.63 3.24 0.41
CA TYR A 342 -0.64 3.24 0.43
C TYR A 342 0.49 2.21 0.32
N LEU A 343 1.15 2.18 -0.82
CA LEU A 343 2.21 1.14 -1.03
C LEU A 343 3.43 1.46 -0.21
N GLN A 344 3.71 2.74 0.08
CA GLN A 344 4.74 3.06 1.06
C GLN A 344 4.56 2.36 2.36
N GLN A 345 3.33 2.37 2.89
CA GLN A 345 3.02 1.66 4.10
C GLN A 345 3.20 0.15 3.92
N ALA A 346 2.59 -0.41 2.91
CA ALA A 346 2.67 -1.84 2.74
C ALA A 346 4.09 -2.35 2.57
N ASP A 347 4.87 -1.66 1.77
CA ASP A 347 6.22 -2.08 1.46
C ASP A 347 7.19 -1.75 2.60
N MET A 348 7.32 -0.46 2.96
CA MET A 348 8.38 -0.01 3.87
C MET A 348 8.18 -0.50 5.29
N GLU A 349 6.93 -0.54 5.77
CA GLU A 349 6.71 -1.05 7.11
C GLU A 349 6.92 -2.59 7.17
N SER A 350 6.69 -3.29 6.04
CA SER A 350 6.99 -4.70 5.98
C SER A 350 8.45 -5.03 5.94
N ASN A 351 9.17 -4.40 5.03
CA ASN A 351 10.50 -4.85 4.68
C ASN A 351 11.66 -3.96 5.15
N GLY A 352 11.33 -2.94 5.93
CA GLY A 352 12.33 -2.12 6.62
C GLY A 352 12.78 -2.79 7.92
N LYS A 353 13.63 -3.83 7.78
CA LYS A 353 14.02 -4.71 8.87
C LYS A 353 15.52 -4.95 8.77
N SER A 354 16.18 -5.05 9.91
CA SER A 354 17.64 -5.18 9.94
C SER A 354 18.10 -6.54 10.39
N VAL A 355 17.18 -7.36 10.90
CA VAL A 355 17.53 -8.74 11.32
C VAL A 355 16.74 -9.75 10.54
N ASN A 356 17.32 -10.94 10.38
CA ASN A 356 16.62 -12.05 9.75
C ASN A 356 15.67 -12.78 10.75
N ILE A 357 14.99 -13.80 10.27
CA ILE A 357 14.03 -14.56 11.11
C ILE A 357 14.69 -15.11 12.35
N ALA A 358 15.98 -15.44 12.26
CA ALA A 358 16.74 -15.98 13.38
C ALA A 358 17.21 -14.88 14.33
N GLY A 359 16.99 -13.62 14.01
CA GLY A 359 17.39 -12.50 14.85
C GLY A 359 18.81 -12.01 14.63
N GLU A 360 19.44 -12.45 13.53
CA GLU A 360 20.83 -12.08 13.25
C GLU A 360 20.82 -10.83 12.45
N THR A 361 21.72 -9.90 12.76
CA THR A 361 21.82 -8.67 11.93
C THR A 361 22.27 -9.03 10.51
N VAL A 362 21.52 -8.62 9.48
CA VAL A 362 21.86 -9.03 8.12
C VAL A 362 22.96 -8.12 7.53
N ASN A 363 23.82 -8.67 6.68
CA ASN A 363 24.92 -7.90 6.10
CA ASN A 363 24.92 -7.89 6.11
C ASN A 363 24.60 -7.38 4.70
N TYR A 364 23.33 -7.44 4.31
CA TYR A 364 22.89 -6.96 3.00
C TYR A 364 21.71 -6.00 3.25
N GLN A 365 21.49 -5.12 2.30
CA GLN A 365 20.44 -4.15 2.37
C GLN A 365 19.07 -4.86 2.18
N THR A 366 18.07 -4.44 2.92
CA THR A 366 16.71 -4.95 2.79
C THR A 366 15.79 -3.90 2.15
N GLY A 367 14.62 -3.62 2.73
CA GLY A 367 13.67 -2.78 2.04
C GLY A 367 14.18 -1.38 1.79
N VAL A 368 13.86 -0.84 0.60
CA VAL A 368 14.28 0.52 0.20
C VAL A 368 13.07 1.48 0.24
N VAL A 369 13.38 2.72 0.02
CA VAL A 369 12.37 3.76 -0.01
C VAL A 369 11.48 3.61 -1.25
N LEU A 370 10.18 3.63 -1.07
CA LEU A 370 9.23 3.66 -2.15
C LEU A 370 8.68 5.11 -2.23
N TRP A 371 8.68 5.68 -3.45
CA TRP A 371 8.20 7.04 -3.67
C TRP A 371 7.66 7.12 -5.06
N GLY A 372 7.14 8.30 -5.43
CA GLY A 372 6.72 8.46 -6.83
C GLY A 372 5.71 9.57 -6.94
N GLY A 373 4.82 9.46 -7.89
CA GLY A 373 3.92 10.55 -8.19
C GLY A 373 3.07 10.33 -9.43
N VAL A 374 1.87 10.89 -9.44
CA VAL A 374 0.94 10.73 -10.56
C VAL A 374 1.50 11.39 -11.82
N GLY A 375 1.37 10.67 -12.94
CA GLY A 375 1.70 11.17 -14.25
C GLY A 375 0.40 11.70 -14.88
N THR A 376 0.47 12.72 -15.75
CA THR A 376 1.68 13.31 -16.26
C THR A 376 2.37 14.35 -15.34
N ASN A 377 1.72 14.74 -14.25
CA ASN A 377 2.22 15.80 -13.40
C ASN A 377 3.71 15.63 -13.01
N GLY A 378 4.09 14.41 -12.63
CA GLY A 378 5.44 14.14 -12.18
C GLY A 378 6.48 14.48 -13.23
N GLN A 379 6.13 14.45 -14.52
CA GLN A 379 7.02 14.82 -15.60
C GLN A 379 7.53 16.24 -15.47
N HIS A 380 6.73 17.09 -14.79
CA HIS A 380 7.05 18.51 -14.59
C HIS A 380 7.50 18.78 -13.19
N ALA A 381 7.85 17.72 -12.47
CA ALA A 381 8.34 17.84 -11.12
C ALA A 381 9.62 17.15 -10.83
N PHE A 382 9.70 15.84 -11.03
CA PHE A 382 10.89 15.09 -10.70
C PHE A 382 11.42 14.18 -11.79
N HIS A 383 10.70 14.07 -12.91
CA HIS A 383 11.27 13.25 -14.01
C HIS A 383 12.59 13.81 -14.54
N GLN A 384 12.83 15.10 -14.42
CA GLN A 384 14.20 15.62 -14.74
C GLN A 384 15.28 14.80 -14.06
N LEU A 385 15.10 14.46 -12.78
CA LEU A 385 16.06 13.66 -12.06
C LEU A 385 16.12 12.23 -12.58
N LEU A 386 14.96 11.64 -12.86
CA LEU A 386 14.92 10.33 -13.44
C LEU A 386 15.72 10.26 -14.77
N HIS A 387 15.72 11.33 -15.57
CA HIS A 387 16.36 11.36 -16.86
C HIS A 387 17.82 11.78 -16.81
N GLN A 388 18.15 12.81 -16.03
CA GLN A 388 19.47 13.41 -16.01
C GLN A 388 20.18 13.45 -14.69
N GLY A 389 19.56 12.97 -13.60
CA GLY A 389 20.26 12.82 -12.36
C GLY A 389 21.25 11.69 -12.48
N ASN A 390 21.98 11.44 -11.39
CA ASN A 390 22.98 10.36 -11.40
C ASN A 390 22.75 9.37 -10.26
N ILE A 391 21.46 9.17 -10.02
CA ILE A 391 20.93 8.19 -9.05
C ILE A 391 20.31 7.05 -9.84
N PHE A 392 20.66 5.81 -9.50
CA PHE A 392 20.01 4.64 -10.09
C PHE A 392 18.70 4.34 -9.37
N ILE A 393 17.59 4.42 -10.11
CA ILE A 393 16.26 4.27 -9.54
C ILE A 393 15.40 3.41 -10.48
N PRO A 394 15.02 2.19 -10.05
CA PRO A 394 14.06 1.44 -10.82
C PRO A 394 12.70 2.16 -10.87
N VAL A 395 12.00 2.06 -12.01
CA VAL A 395 10.73 2.75 -12.22
C VAL A 395 9.62 1.82 -12.67
N ASP A 396 8.48 1.87 -11.97
CA ASP A 396 7.24 1.19 -12.39
C ASP A 396 6.27 2.26 -12.90
N PHE A 397 5.72 2.09 -14.09
CA PHE A 397 4.60 2.89 -14.58
C PHE A 397 3.31 2.07 -14.45
N ILE A 398 2.24 2.67 -13.97
CA ILE A 398 0.89 2.09 -14.04
C ILE A 398 0.08 2.89 -15.05
N ALA A 399 -0.38 2.22 -16.12
CA ALA A 399 -1.20 2.85 -17.18
C ALA A 399 -2.54 2.20 -17.16
N ILE A 400 -3.56 2.98 -17.46
CA ILE A 400 -4.95 2.52 -17.56
C ILE A 400 -5.42 2.75 -18.99
N ALA A 401 -5.78 1.69 -19.74
CA ALA A 401 -6.08 1.81 -21.14
C ALA A 401 -7.28 2.75 -21.41
N THR A 402 -8.35 2.54 -20.64
CA THR A 402 -9.58 3.29 -20.83
CA THR A 402 -9.62 3.24 -20.84
C THR A 402 -10.02 3.89 -19.53
N SER A 403 -10.45 5.15 -19.57
CA SER A 403 -10.84 5.90 -18.41
C SER A 403 -12.35 5.89 -18.26
N HIS A 404 -12.92 6.85 -17.59
CA HIS A 404 -14.34 6.86 -17.22
C HIS A 404 -15.13 7.98 -17.90
N HIS A 405 -14.59 8.50 -18.99
CA HIS A 405 -15.16 9.70 -19.66
C HIS A 405 -14.90 9.57 -21.15
N ASN A 406 -15.41 10.51 -21.95
CA ASN A 406 -15.26 10.50 -23.39
C ASN A 406 -14.34 11.56 -23.99
N TYR A 407 -13.46 12.11 -23.16
CA TYR A 407 -12.38 12.98 -23.64
C TYR A 407 -11.25 12.13 -24.18
N ASP A 408 -11.49 11.52 -25.34
CA ASP A 408 -10.58 10.53 -25.86
C ASP A 408 -9.24 11.16 -26.22
N ASN A 409 -9.23 12.45 -26.63
CA ASN A 409 -7.94 13.10 -26.91
C ASN A 409 -7.04 13.23 -25.67
N HIS A 410 -7.66 13.49 -24.52
CA HIS A 410 -6.97 13.58 -23.24
C HIS A 410 -6.37 12.22 -22.89
N GLN A 411 -7.19 11.19 -23.00
CA GLN A 411 -6.79 9.83 -22.63
C GLN A 411 -5.64 9.37 -23.53
N GLN A 412 -5.74 9.62 -24.83
CA GLN A 412 -4.66 9.23 -25.74
C GLN A 412 -3.35 9.96 -25.41
N ALA A 413 -3.43 11.25 -25.12
CA ALA A 413 -2.23 12.01 -24.72
C ALA A 413 -1.63 11.48 -23.41
N LEU A 414 -2.48 11.15 -22.45
CA LEU A 414 -2.05 10.57 -21.18
C LEU A 414 -1.20 9.31 -21.39
N LEU A 415 -1.70 8.42 -22.23
CA LEU A 415 -1.01 7.19 -22.55
C LEU A 415 0.24 7.44 -23.37
N ALA A 416 0.14 8.31 -24.38
CA ALA A 416 1.36 8.64 -25.15
C ALA A 416 2.48 9.11 -24.29
N ASN A 417 2.13 9.95 -23.30
CA ASN A 417 3.13 10.46 -22.33
C ASN A 417 3.73 9.33 -21.50
N CYS A 418 2.87 8.47 -20.97
CA CYS A 418 3.31 7.32 -20.17
C CYS A 418 4.36 6.54 -20.95
N PHE A 419 4.00 6.19 -22.16
CA PHE A 419 4.86 5.32 -22.99
C PHE A 419 6.13 6.06 -23.43
N ALA A 420 6.00 7.37 -23.70
CA ALA A 420 7.16 8.22 -24.07
C ALA A 420 8.17 8.31 -22.94
N GLN A 421 7.70 8.32 -21.69
CA GLN A 421 8.62 8.46 -20.58
C GLN A 421 9.45 7.18 -20.40
N SER A 422 8.84 6.01 -20.54
CA SER A 422 9.61 4.76 -20.48
C SER A 422 10.52 4.63 -21.69
N GLN A 423 10.05 5.09 -22.84
CA GLN A 423 10.88 5.07 -24.03
C GLN A 423 12.09 6.01 -23.84
N ALA A 424 11.86 7.20 -23.31
CA ALA A 424 12.95 8.16 -23.04
C ALA A 424 14.00 7.60 -22.05
N LEU A 425 13.54 6.97 -20.98
CA LEU A 425 14.45 6.34 -20.03
C LEU A 425 15.33 5.30 -20.76
N MET A 426 14.73 4.54 -21.66
CA MET A 426 15.47 3.51 -22.40
C MET A 426 16.50 4.09 -23.37
N PHE A 427 16.07 5.05 -24.18
CA PHE A 427 16.90 5.53 -25.29
CA PHE A 427 16.91 5.51 -25.28
C PHE A 427 17.89 6.63 -24.92
N GLY A 428 17.44 7.60 -24.15
CA GLY A 428 18.19 8.83 -23.94
C GLY A 428 18.47 9.53 -25.26
N GLN A 429 19.47 10.41 -25.24
CA GLN A 429 19.90 11.13 -26.43
C GLN A 429 21.37 11.48 -26.27
N SER A 430 22.17 11.14 -27.29
CA SER A 430 23.61 11.30 -27.22
C SER A 430 24.07 12.70 -27.56
N TYR A 431 25.32 12.99 -27.19
CA TYR A 431 25.96 14.25 -27.59
C TYR A 431 25.85 14.51 -29.10
N ASP A 432 26.12 13.50 -29.93
CA ASP A 432 26.09 13.67 -31.38
C ASP A 432 24.69 13.98 -31.91
N MET A 433 23.67 13.33 -31.34
CA MET A 433 22.28 13.59 -31.74
CA MET A 433 22.29 13.60 -31.77
C MET A 433 21.91 15.02 -31.37
N VAL A 434 22.21 15.41 -30.14
CA VAL A 434 21.91 16.76 -29.66
C VAL A 434 22.67 17.85 -30.46
N TYR A 435 23.96 17.65 -30.62
CA TYR A 435 24.80 18.60 -31.34
C TYR A 435 24.25 18.85 -32.74
N ASN A 436 23.91 17.78 -33.45
CA ASN A 436 23.37 17.91 -34.81
C ASN A 436 22.01 18.60 -34.84
N GLU A 437 21.19 18.31 -33.83
CA GLU A 437 19.87 18.92 -33.69
C GLU A 437 19.96 20.43 -33.44
N LEU A 438 21.00 20.86 -32.71
CA LEU A 438 21.17 22.27 -32.34
C LEU A 438 21.64 23.08 -33.55
N LEU A 439 22.52 22.49 -34.35
CA LEU A 439 22.87 23.07 -35.67
C LEU A 439 21.64 23.26 -36.56
N LYS A 440 20.78 22.25 -36.65
CA LYS A 440 19.58 22.32 -37.47
CA LYS A 440 19.61 22.36 -37.50
C LYS A 440 18.56 23.32 -36.91
N SER A 441 18.67 23.63 -35.62
CA SER A 441 17.79 24.63 -34.98
C SER A 441 18.19 26.07 -35.30
N GLY A 442 19.39 26.25 -35.84
CA GLY A 442 19.92 27.58 -36.14
C GLY A 442 21.04 28.06 -35.24
N LEU A 443 21.58 27.21 -34.38
CA LEU A 443 22.76 27.58 -33.59
C LEU A 443 23.99 27.39 -34.45
N ASN A 444 25.00 28.23 -34.25
CA ASN A 444 26.28 28.02 -34.93
C ASN A 444 27.08 26.99 -34.17
N GLU A 445 28.23 26.60 -34.72
CA GLU A 445 29.03 25.54 -34.12
CA GLU A 445 29.10 25.56 -34.14
C GLU A 445 29.47 25.82 -32.69
N THR A 446 29.92 27.06 -32.39
CA THR A 446 30.37 27.40 -31.04
C THR A 446 29.27 27.20 -29.99
N GLN A 447 28.13 27.82 -30.27
CA GLN A 447 26.93 27.74 -29.43
C GLN A 447 26.47 26.29 -29.22
N ALA A 448 26.39 25.51 -30.30
CA ALA A 448 25.98 24.10 -30.20
C ALA A 448 26.96 23.27 -29.36
N LYS A 449 28.25 23.55 -29.51
CA LYS A 449 29.29 22.85 -28.74
C LYS A 449 29.14 23.11 -27.24
N GLU A 450 28.88 24.38 -26.91
CA GLU A 450 28.74 24.88 -25.54
CA GLU A 450 28.78 24.82 -25.52
C GLU A 450 27.52 24.25 -24.85
N LEU A 451 26.40 24.20 -25.57
CA LEU A 451 25.14 23.69 -24.95
C LEU A 451 24.93 22.17 -25.00
N ALA A 452 25.44 21.50 -26.03
CA ALA A 452 25.13 20.10 -26.28
C ALA A 452 25.31 19.21 -25.05
N ALA A 453 26.39 19.39 -24.30
CA ALA A 453 26.67 18.46 -23.18
C ALA A 453 25.58 18.52 -22.12
N HIS A 454 25.00 19.70 -21.97
CA HIS A 454 23.91 19.93 -21.00
C HIS A 454 22.61 19.26 -21.38
N LYS A 455 22.48 18.90 -22.65
CA LYS A 455 21.25 18.26 -23.12
CA LYS A 455 21.26 18.26 -23.14
C LYS A 455 21.40 16.74 -23.27
N VAL A 456 22.59 16.21 -22.98
CA VAL A 456 22.80 14.74 -23.11
C VAL A 456 21.95 14.03 -22.03
N ILE A 457 21.26 12.98 -22.46
CA ILE A 457 20.44 12.16 -21.58
C ILE A 457 21.00 10.73 -21.70
N PRO A 458 21.53 10.20 -20.61
CA PRO A 458 22.27 8.94 -20.78
C PRO A 458 21.44 7.76 -21.30
N GLY A 459 20.20 7.65 -20.86
CA GLY A 459 19.39 6.52 -21.27
C GLY A 459 19.92 5.21 -20.66
N ASN A 460 19.43 4.11 -21.19
CA ASN A 460 19.68 2.79 -20.63
C ASN A 460 19.21 2.63 -19.19
N ARG A 461 18.13 3.34 -18.85
CA ARG A 461 17.53 3.30 -17.51
C ARG A 461 16.24 2.48 -17.57
N PRO A 462 16.04 1.62 -16.56
CA PRO A 462 15.05 0.60 -16.64
C PRO A 462 13.65 1.06 -16.27
N SER A 463 12.67 0.35 -16.78
CA SER A 463 11.30 0.54 -16.29
C SER A 463 10.47 -0.71 -16.55
N THR A 464 9.38 -0.85 -15.79
CA THR A 464 8.33 -1.80 -16.00
C THR A 464 7.07 -0.98 -16.25
N THR A 465 6.22 -1.46 -17.15
CA THR A 465 4.93 -0.85 -17.34
C THR A 465 3.84 -1.91 -17.10
N ILE A 466 2.92 -1.58 -16.24
CA ILE A 466 1.79 -2.41 -15.88
C ILE A 466 0.55 -1.72 -16.43
N LEU A 467 -0.07 -2.35 -17.41
CA LEU A 467 -1.20 -1.84 -18.08
C LEU A 467 -2.48 -2.55 -17.72
N LEU A 468 -3.44 -1.80 -17.18
CA LEU A 468 -4.78 -2.29 -16.92
C LEU A 468 -5.70 -1.92 -18.03
N ASP A 469 -6.73 -2.77 -18.28
CA ASP A 469 -7.70 -2.39 -19.30
C ASP A 469 -8.54 -1.15 -18.85
N GLU A 470 -8.87 -1.13 -17.57
CA GLU A 470 -9.63 -0.06 -16.93
C GLU A 470 -9.31 -0.07 -15.45
N LEU A 471 -9.69 0.99 -14.74
CA LEU A 471 -9.54 1.04 -13.28
C LEU A 471 -10.93 0.83 -12.66
N SER A 472 -11.23 -0.45 -12.40
CA SER A 472 -12.50 -0.83 -11.81
C SER A 472 -12.27 -1.38 -10.43
N PRO A 473 -13.36 -1.69 -9.69
CA PRO A 473 -13.12 -2.34 -8.39
C PRO A 473 -12.26 -3.62 -8.55
N TYR A 474 -12.59 -4.45 -9.54
CA TYR A 474 -11.90 -5.72 -9.72
C TYR A 474 -10.44 -5.49 -10.09
N SER A 475 -10.17 -4.62 -11.06
CA SER A 475 -8.78 -4.43 -11.51
C SER A 475 -7.92 -3.75 -10.47
N LEU A 476 -8.50 -2.84 -9.68
CA LEU A 476 -7.80 -2.28 -8.57
C LEU A 476 -7.42 -3.33 -7.52
N GLY A 477 -8.37 -4.20 -7.18
CA GLY A 477 -8.06 -5.26 -6.26
C GLY A 477 -6.96 -6.17 -6.71
N ALA A 478 -6.95 -6.51 -8.01
CA ALA A 478 -5.87 -7.28 -8.60
C ALA A 478 -4.53 -6.54 -8.51
N LEU A 479 -4.50 -5.25 -8.84
CA LEU A 479 -3.30 -4.41 -8.80
C LEU A 479 -2.68 -4.34 -7.40
N ILE A 480 -3.53 -4.11 -6.39
CA ILE A 480 -3.00 -4.07 -5.03
C ILE A 480 -2.41 -5.40 -4.62
N ALA A 481 -3.08 -6.49 -4.95
CA ALA A 481 -2.65 -7.82 -4.54
C ALA A 481 -1.32 -8.13 -5.18
N LEU A 482 -1.12 -7.69 -6.41
CA LEU A 482 0.21 -7.92 -7.04
C LEU A 482 1.35 -7.41 -6.17
N TYR A 483 1.21 -6.19 -5.65
CA TYR A 483 2.18 -5.58 -4.80
C TYR A 483 2.26 -6.23 -3.43
N GLU A 484 1.11 -6.63 -2.85
CA GLU A 484 1.19 -7.39 -1.59
C GLU A 484 2.08 -8.62 -1.75
N HIS A 485 1.91 -9.32 -2.83
CA HIS A 485 2.71 -10.55 -3.07
C HIS A 485 4.14 -10.26 -3.45
N LYS A 486 4.40 -9.17 -4.20
CA LYS A 486 5.76 -8.72 -4.43
C LYS A 486 6.51 -8.54 -3.12
N ILE A 487 5.90 -7.86 -2.18
CA ILE A 487 6.49 -7.56 -0.88
C ILE A 487 6.80 -8.86 -0.10
N PHE A 488 5.87 -9.81 -0.08
CA PHE A 488 6.03 -11.11 0.54
C PHE A 488 7.25 -11.82 -0.05
N VAL A 489 7.31 -11.88 -1.37
CA VAL A 489 8.43 -12.58 -2.04
C VAL A 489 9.78 -11.94 -1.67
N GLN A 490 9.88 -10.62 -1.71
CA GLN A 490 11.10 -9.97 -1.29
C GLN A 490 11.51 -10.33 0.12
N GLY A 491 10.58 -10.26 1.08
CA GLY A 491 10.87 -10.67 2.45
C GLY A 491 11.37 -12.08 2.59
N VAL A 492 10.78 -13.02 1.87
CA VAL A 492 11.22 -14.40 1.89
C VAL A 492 12.63 -14.51 1.36
N LEU A 493 12.91 -13.87 0.22
CA LEU A 493 14.26 -13.93 -0.35
C LEU A 493 15.34 -13.30 0.56
N TRP A 494 14.99 -12.28 1.34
CA TRP A 494 15.86 -11.66 2.32
C TRP A 494 15.86 -12.36 3.68
N ASP A 495 15.03 -13.39 3.81
CA ASP A 495 14.90 -14.13 5.07
C ASP A 495 14.51 -13.22 6.26
N ILE A 496 13.62 -12.25 6.01
CA ILE A 496 13.12 -11.34 7.08
C ILE A 496 11.66 -11.65 7.37
N ASN A 497 11.16 -11.12 8.48
CA ASN A 497 9.72 -11.18 8.79
C ASN A 497 9.00 -9.96 8.28
N SER A 498 8.28 -10.11 7.17
CA SER A 498 7.59 -8.97 6.57
C SER A 498 6.38 -8.50 7.41
N TYR A 499 6.00 -9.25 8.42
CA TYR A 499 4.68 -9.10 9.04
C TYR A 499 4.64 -8.59 10.47
N ASP A 500 5.81 -8.31 11.05
CA ASP A 500 5.92 -7.59 12.34
C ASP A 500 6.29 -6.12 12.12
N GLN A 501 6.33 -5.35 13.21
CA GLN A 501 6.70 -3.93 13.14
C GLN A 501 7.14 -3.44 14.48
N TRP A 502 8.22 -4.02 14.99
CA TRP A 502 8.68 -3.69 16.31
C TRP A 502 9.34 -2.34 16.41
N GLY A 503 9.75 -1.78 15.29
CA GLY A 503 10.50 -0.53 15.27
C GLY A 503 9.72 0.70 15.72
N VAL A 504 8.39 0.62 15.71
CA VAL A 504 7.53 1.76 16.06
C VAL A 504 7.29 1.86 17.55
N GLU A 505 7.59 0.80 18.32
CA GLU A 505 7.23 0.80 19.73
CA GLU A 505 7.24 0.79 19.71
C GLU A 505 7.91 1.87 20.55
N LEU A 506 9.19 2.11 20.28
CA LEU A 506 10.01 3.02 21.08
C LEU A 506 9.42 4.42 21.00
N GLY A 507 9.10 4.90 19.81
CA GLY A 507 8.59 6.25 19.66
C GLY A 507 7.26 6.44 20.41
N LYS A 508 6.46 5.39 20.50
CA LYS A 508 5.20 5.47 21.27
C LYS A 508 5.47 5.66 22.78
N LYS A 509 6.45 4.93 23.30
CA LYS A 509 6.88 5.08 24.67
C LYS A 509 7.46 6.46 24.95
N LEU A 510 8.37 6.89 24.05
CA LEU A 510 9.01 8.19 24.25
C LEU A 510 7.99 9.31 24.16
N GLY A 511 6.96 9.12 23.37
CA GLY A 511 5.89 10.10 23.25
C GLY A 511 5.13 10.28 24.54
N LYS A 512 4.84 9.16 25.22
CA LYS A 512 4.19 9.25 26.52
C LYS A 512 5.05 9.98 27.54
N ASN A 513 6.37 9.71 27.55
CA ASN A 513 7.33 10.34 28.44
C ASN A 513 7.42 11.87 28.21
N ILE A 514 7.47 12.22 26.93
CA ILE A 514 7.57 13.63 26.55
C ILE A 514 6.31 14.37 26.91
N LEU A 515 5.13 13.76 26.73
CA LEU A 515 3.90 14.43 27.11
CA LEU A 515 3.89 14.40 27.14
C LEU A 515 3.89 14.70 28.63
N LYS A 516 4.37 13.73 29.41
CA LYS A 516 4.53 13.92 30.87
C LYS A 516 5.49 15.08 31.19
N ALA A 517 6.64 15.09 30.55
CA ALA A 517 7.60 16.19 30.67
C ALA A 517 7.02 17.54 30.26
N MET A 518 6.21 17.56 29.21
CA MET A 518 5.58 18.82 28.82
C MET A 518 4.69 19.35 29.92
N ASN A 519 4.09 18.49 30.73
CA ASN A 519 3.09 18.96 31.70
C ASN A 519 3.61 19.11 33.10
N ASP A 520 4.83 18.64 33.33
CA ASP A 520 5.46 18.71 34.67
C ASP A 520 6.98 18.72 34.54
N ASP A 521 7.60 19.90 34.69
CA ASP A 521 9.06 20.03 34.57
C ASP A 521 9.87 19.55 35.80
N SER A 522 9.18 19.13 36.86
CA SER A 522 9.84 18.51 38.00
C SER A 522 9.85 16.97 37.90
N SER A 523 9.30 16.44 36.82
CA SER A 523 9.18 14.99 36.65
C SER A 523 10.52 14.36 36.32
N ASP A 524 10.67 13.08 36.62
CA ASP A 524 11.85 12.33 36.19
C ASP A 524 11.98 12.39 34.65
N GLU A 525 10.85 12.18 33.97
CA GLU A 525 10.79 12.29 32.50
C GLU A 525 11.45 13.59 31.96
N TYR A 526 11.12 14.72 32.57
CA TYR A 526 11.72 15.98 32.16
C TYR A 526 13.21 16.05 32.44
N GLN A 527 13.59 15.55 33.62
CA GLN A 527 14.99 15.57 34.01
CA GLN A 527 14.98 15.53 34.04
C GLN A 527 15.85 14.64 33.14
N ASN A 528 15.31 13.53 32.67
CA ASN A 528 16.06 12.57 31.83
C ASN A 528 16.16 12.92 30.33
N LEU A 529 15.41 13.93 29.90
CA LEU A 529 15.47 14.39 28.48
C LEU A 529 16.88 14.78 28.02
N ASP A 530 17.17 14.48 26.77
CA ASP A 530 18.27 15.13 26.10
C ASP A 530 17.90 16.60 25.93
N ASP A 531 18.90 17.47 25.79
CA ASP A 531 18.62 18.90 25.82
C ASP A 531 17.97 19.41 24.54
N SER A 532 18.07 18.67 23.43
CA SER A 532 17.39 19.07 22.19
C SER A 532 15.90 18.97 22.46
N THR A 533 15.46 17.81 22.92
CA THR A 533 14.05 17.63 23.25
C THR A 533 13.59 18.65 24.30
N ARG A 534 14.40 18.88 25.34
CA ARG A 534 14.02 19.84 26.39
C ARG A 534 13.82 21.25 25.85
N GLN A 535 14.72 21.72 24.98
CA GLN A 535 14.54 23.08 24.47
C GLN A 535 13.42 23.21 23.44
N LEU A 536 13.13 22.13 22.70
CA LEU A 536 11.95 22.14 21.80
C LEU A 536 10.68 22.26 22.63
N ILE A 537 10.57 21.53 23.74
CA ILE A 537 9.41 21.65 24.63
C ILE A 537 9.32 23.06 25.21
N ALA A 538 10.47 23.63 25.65
CA ALA A 538 10.52 24.98 26.16
C ALA A 538 10.05 26.00 25.11
N LYS A 539 10.44 25.83 23.85
CA LYS A 539 10.04 26.75 22.77
C LYS A 539 8.53 26.69 22.47
N VAL A 540 7.88 25.51 22.65
CA VAL A 540 6.40 25.41 22.43
C VAL A 540 5.56 25.74 23.66
N LYS A 541 6.22 26.21 24.69
CA LYS A 541 5.58 26.93 25.80
C LYS A 541 5.81 28.42 25.63
N ASN A 542 7.03 28.82 25.24
CA ASN A 542 7.36 30.23 24.96
C ASN A 542 7.54 30.48 23.46
P RI2 B . -5.13 0.22 15.25
C1 RI2 B . -0.43 0.60 12.89
O1 RI2 B . 0.81 1.19 12.62
C2 RI2 B . -1.16 0.17 11.65
O2 RI2 B . -0.90 1.08 10.58
C3 RI2 B . -2.54 0.22 12.14
O3 RI2 B . -3.51 0.15 11.12
C4 RI2 B . -2.48 1.57 12.86
O4 RI2 B . -1.25 1.58 13.58
C5 RI2 B . -3.64 1.76 13.76
O5 RI2 B . -3.69 0.66 14.70
PA RI2 B . 2.05 0.92 13.61
O1A RI2 B . 2.14 -0.58 13.80
O1P RI2 B . -5.92 -0.27 14.01
O2A RI2 B . 3.24 1.46 12.74
O2P RI2 B . -4.88 -0.90 16.33
O3A RI2 B . 1.85 1.74 14.89
O3P RI2 B . -5.79 1.49 15.89
O1 MES C . -6.69 -25.84 7.72
C2 MES C . -7.14 -27.02 7.13
C3 MES C . -6.58 -27.24 5.69
N4 MES C . -5.12 -26.91 5.66
C5 MES C . -4.58 -25.78 6.48
C6 MES C . -5.26 -25.70 7.84
C7 MES C . -4.14 -27.48 4.69
C8 MES C . -4.55 -28.82 4.11
S MES C . -3.55 -29.34 2.86
O1S MES C . -2.17 -29.65 3.34
O2S MES C . -4.19 -30.49 2.36
O3S MES C . -3.45 -28.23 1.85
O1 MES D . -21.37 9.84 -7.05
C2 MES D . -21.59 9.41 -8.39
C3 MES D . -20.22 9.09 -8.95
N4 MES D . -19.49 10.33 -9.05
C5 MES D . -19.85 11.46 -8.20
C6 MES D . -20.36 10.86 -6.89
C7 MES D . -18.30 10.25 -9.91
C8 MES D . -17.68 11.53 -10.44
S MES D . -16.17 11.12 -11.10
O1S MES D . -16.54 10.10 -12.13
O2S MES D . -15.52 12.22 -11.80
O3S MES D . -15.33 10.36 -10.14
P PO4 E . -4.94 -4.60 -21.43
O1 PO4 E . -5.24 -3.26 -22.07
O2 PO4 E . -6.23 -5.13 -20.86
O3 PO4 E . -3.97 -4.56 -20.30
O4 PO4 E . -4.41 -5.55 -22.51
C1 IPA F . -8.55 -6.82 -13.88
C2 IPA F . -7.67 -7.92 -14.36
C3 IPA F . -7.02 -8.85 -13.38
O2 IPA F . -8.39 -8.43 -15.43
CA CA G . 13.51 -25.78 -5.20
#